data_8KHW
#
_entry.id   8KHW
#
_cell.length_a   98.407
_cell.length_b   98.407
_cell.length_c   134.750
_cell.angle_alpha   90.00
_cell.angle_beta   90.00
_cell.angle_gamma   90.00
#
_symmetry.space_group_name_H-M   'P 43 21 2'
#
loop_
_entity.id
_entity.type
_entity.pdbx_description
1 polymer 'DUF4962 domain-containing protein'
2 non-polymer 'MANGANESE (II) ION'
3 water water
#
_entity_poly.entity_id   1
_entity_poly.type   'polypeptide(L)'
_entity_poly.pdbx_seq_one_letter_code
;MCISAQEGDSKKVKDRVHPYLIMTTEDESVIRSAIQTDGVWKEYHAIMIEEADNILGKPNCQRVILGRRLLEVSRECLRR
TLLLGYAYRMTGEVKYAKRAESELDNAADFVDWNPSHFLDVAEMTTAMAIGYDWLYNFISDQTKLKIEKAIETKGLNPSL
DSQYNSWLYRNNNWNQVCNGGITLGALAIYDKIPTLADELINRAVQSVKLPMSVYAPDGAYAEGYSYWGYGTTYNLLLID
ALENVMGTDYNLSQEPGFLNTGKFIQNMLLSDGKSFNYGDCSSSGRVSPAMFWFANRTADKDILWSEKYQFSLSSKKSIR
SYRYAVLALIWGASTSMDNLPKPTQRMWVSSKTTTPVALMRTTWDYQQGLSIALKGGTAQSGHTHLDAGSFIFISKDTRW
STDLGPQDYNSLESKGIDLWNKSQESDRWKVFRYNNLAHNTLSFDNKYQNVNGYATITDFSDNENYMYAIADLTKIYEGQ
AKEVKRGVAIVDSHYAAVRDEVKTLGQPTVIRWNMVTEAQPAIIGEHTIQLSQNGEKLLLEVESPAKVRMKTWSATSPNS
WDAKNPGVTFVGFEAELRPNTTEVLQVKLIPEGNFDSNKEIMPLTDWKNNLEHHHHHH
;
_entity_poly.pdbx_strand_id   A
#
loop_
_chem_comp.id
_chem_comp.type
_chem_comp.name
_chem_comp.formula
MN non-polymer 'MANGANESE (II) ION' 'Mn 2'
#
# COMPACT_ATOMS: atom_id res chain seq x y z
N LEU A 21 -32.52 -7.36 7.33
CA LEU A 21 -32.91 -7.21 8.72
C LEU A 21 -31.80 -6.49 9.48
N ILE A 22 -30.84 -5.98 8.70
CA ILE A 22 -29.54 -5.57 9.21
C ILE A 22 -28.79 -6.86 9.56
N MET A 23 -28.19 -7.51 8.54
CA MET A 23 -27.41 -8.74 8.78
C MET A 23 -26.01 -8.79 8.18
N THR A 24 -25.68 -8.04 7.12
CA THR A 24 -24.54 -8.40 6.29
C THR A 24 -23.19 -8.13 6.97
N THR A 25 -22.86 -6.86 7.27
CA THR A 25 -21.51 -6.60 7.78
C THR A 25 -21.43 -5.87 9.12
N GLU A 26 -22.35 -4.95 9.44
CA GLU A 26 -22.42 -4.33 10.77
C GLU A 26 -23.63 -4.93 11.47
N ASP A 27 -23.40 -5.96 12.26
CA ASP A 27 -24.51 -6.67 12.89
C ASP A 27 -25.12 -5.85 14.00
N GLU A 28 -26.40 -6.08 14.26
CA GLU A 28 -27.05 -5.25 15.27
C GLU A 28 -26.33 -5.31 16.60
N SER A 29 -25.81 -6.46 16.96
CA SER A 29 -24.96 -6.55 18.14
C SER A 29 -23.76 -5.62 18.01
N VAL A 30 -23.02 -5.68 16.89
CA VAL A 30 -21.79 -4.91 16.68
C VAL A 30 -22.01 -3.39 16.83
N ILE A 31 -23.22 -2.92 17.06
CA ILE A 31 -23.37 -1.53 17.48
C ILE A 31 -22.82 -1.41 18.90
N ARG A 32 -21.52 -1.70 19.06
CA ARG A 32 -20.68 -1.29 20.18
C ARG A 32 -19.96 0.00 19.88
N SER A 33 -20.19 0.58 18.71
CA SER A 33 -19.75 1.96 18.49
C SER A 33 -20.42 2.88 19.49
N ALA A 34 -21.60 2.48 19.98
CA ALA A 34 -22.37 3.30 20.91
C ALA A 34 -21.56 3.67 22.14
N ILE A 35 -20.88 2.70 22.77
CA ILE A 35 -19.99 3.03 23.88
C ILE A 35 -18.92 3.99 23.38
N GLN A 36 -18.66 5.07 24.15
CA GLN A 36 -17.67 6.08 23.79
C GLN A 36 -16.89 6.49 25.04
N THR A 37 -16.06 5.56 25.50
CA THR A 37 -14.94 5.81 26.40
C THR A 37 -13.67 6.17 25.65
N ASP A 38 -13.67 6.03 24.33
CA ASP A 38 -12.46 6.12 23.51
C ASP A 38 -12.48 7.41 22.69
N GLY A 39 -11.40 8.20 22.81
CA GLY A 39 -11.34 9.49 22.15
C GLY A 39 -11.22 9.40 20.64
N VAL A 40 -10.54 8.36 20.13
CA VAL A 40 -10.47 8.14 18.69
C VAL A 40 -11.86 7.90 18.12
N TRP A 41 -12.51 6.82 18.57
CA TRP A 41 -13.79 6.45 17.98
C TRP A 41 -14.83 7.55 18.14
N LYS A 42 -14.69 8.35 19.20
CA LYS A 42 -15.56 9.51 19.41
C LYS A 42 -15.37 10.54 18.30
N GLU A 43 -14.11 10.92 18.03
CA GLU A 43 -13.84 11.91 17.00
C GLU A 43 -14.10 11.36 15.61
N TYR A 44 -13.67 10.12 15.36
CA TYR A 44 -13.98 9.45 14.09
C TYR A 44 -15.47 9.46 13.82
N HIS A 45 -16.28 9.00 14.79
CA HIS A 45 -17.73 9.04 14.61
C HIS A 45 -18.21 10.44 14.24
N ALA A 46 -17.70 11.46 14.94
CA ALA A 46 -18.15 12.83 14.70
C ALA A 46 -17.72 13.31 13.31
N ILE A 47 -16.56 12.85 12.82
CA ILE A 47 -16.14 13.15 11.46
C ILE A 47 -17.11 12.51 10.45
N MET A 48 -17.66 11.32 10.76
CA MET A 48 -18.61 10.71 9.84
C MET A 48 -19.96 11.43 9.87
N ILE A 49 -20.47 11.76 11.05
CA ILE A 49 -21.75 12.45 11.13
C ILE A 49 -21.66 13.81 10.45
N GLU A 50 -20.48 14.43 10.49
CA GLU A 50 -20.32 15.68 9.77
C GLU A 50 -20.35 15.45 8.26
N GLU A 51 -19.66 14.42 7.79
CA GLU A 51 -19.67 14.16 6.35
C GLU A 51 -21.02 13.65 5.90
N ALA A 52 -21.73 12.90 6.74
CA ALA A 52 -23.10 12.53 6.41
C ALA A 52 -23.97 13.78 6.21
N ASP A 53 -23.84 14.76 7.11
CA ASP A 53 -24.59 16.01 6.94
C ASP A 53 -24.21 16.73 5.65
N ASN A 54 -22.96 16.62 5.22
CA ASN A 54 -22.54 17.35 4.04
C ASN A 54 -23.15 16.75 2.78
N ILE A 55 -23.37 15.43 2.76
CA ILE A 55 -23.97 14.80 1.58
C ILE A 55 -25.46 15.12 1.50
N LEU A 56 -26.11 15.38 2.63
CA LEU A 56 -27.50 15.87 2.63
C LEU A 56 -27.67 17.04 1.67
N GLY A 57 -26.82 18.07 1.81
CA GLY A 57 -26.79 19.16 0.86
C GLY A 57 -25.94 18.80 -0.33
N LYS A 58 -26.42 17.89 -1.15
CA LYS A 58 -25.71 17.40 -2.32
C LYS A 58 -26.68 16.57 -3.15
N PRO A 59 -26.76 16.78 -4.45
CA PRO A 59 -27.68 16.02 -5.28
C PRO A 59 -27.13 14.63 -5.56
N ASN A 60 -28.02 13.76 -6.04
CA ASN A 60 -27.65 12.40 -6.36
C ASN A 60 -26.57 12.39 -7.43
N CYS A 61 -25.72 11.36 -7.39
CA CYS A 61 -24.79 11.14 -8.49
C CYS A 61 -25.56 10.83 -9.75
N GLN A 62 -25.13 11.41 -10.86
CA GLN A 62 -25.66 11.05 -12.15
C GLN A 62 -24.85 9.87 -12.72
N ARG A 63 -25.26 9.42 -13.89
CA ARG A 63 -24.71 8.21 -14.52
C ARG A 63 -23.77 8.70 -15.62
N VAL A 64 -22.55 9.04 -15.23
CA VAL A 64 -21.55 9.58 -16.15
C VAL A 64 -20.42 8.58 -16.34
N ILE A 65 -20.22 8.14 -17.59
CA ILE A 65 -19.08 7.30 -17.94
C ILE A 65 -17.87 8.20 -18.19
N LEU A 66 -16.80 7.99 -17.43
CA LEU A 66 -15.57 8.77 -17.47
C LEU A 66 -14.47 7.85 -17.99
N GLY A 67 -14.15 7.97 -19.28
CA GLY A 67 -13.14 7.11 -19.87
C GLY A 67 -13.50 5.64 -19.82
N ARG A 68 -14.68 5.30 -20.33
CA ARG A 68 -15.23 3.94 -20.34
C ARG A 68 -15.39 3.35 -18.95
N ARG A 69 -15.41 4.19 -17.91
CA ARG A 69 -15.55 3.74 -16.53
C ARG A 69 -16.68 4.50 -15.83
N LEU A 70 -17.47 3.77 -15.04
CA LEU A 70 -18.43 4.35 -14.12
C LEU A 70 -17.92 4.33 -12.68
N LEU A 71 -16.68 3.86 -12.48
CA LEU A 71 -16.16 3.49 -11.16
C LEU A 71 -16.32 4.59 -10.12
N GLU A 72 -16.07 5.85 -10.51
CA GLU A 72 -16.14 6.94 -9.52
C GLU A 72 -17.57 7.11 -8.97
N VAL A 73 -18.58 7.05 -9.83
CA VAL A 73 -19.96 7.12 -9.33
C VAL A 73 -20.26 5.92 -8.43
N SER A 74 -19.74 4.75 -8.78
CA SER A 74 -20.03 3.57 -7.97
C SER A 74 -19.41 3.66 -6.59
N ARG A 75 -18.20 4.22 -6.50
CA ARG A 75 -17.56 4.42 -5.20
C ARG A 75 -18.25 5.52 -4.43
N GLU A 76 -18.68 6.57 -5.13
CA GLU A 76 -19.36 7.65 -4.43
C GLU A 76 -20.69 7.15 -3.86
N CYS A 77 -21.45 6.37 -4.63
CA CYS A 77 -22.69 5.80 -4.11
C CYS A 77 -22.43 4.89 -2.93
N LEU A 78 -21.39 4.06 -3.01
CA LEU A 78 -20.99 3.25 -1.85
C LEU A 78 -20.62 4.14 -0.68
N ARG A 79 -19.75 5.12 -0.91
CA ARG A 79 -19.31 6.01 0.17
C ARG A 79 -20.50 6.72 0.82
N ARG A 80 -21.36 7.33 0.00
CA ARG A 80 -22.55 7.99 0.53
C ARG A 80 -23.49 7.00 1.21
N THR A 81 -23.65 5.79 0.64
CA THR A 81 -24.51 4.80 1.29
C THR A 81 -23.97 4.43 2.64
N LEU A 82 -22.66 4.28 2.75
CA LEU A 82 -22.07 3.94 4.03
C LEU A 82 -22.30 5.04 5.05
N LEU A 83 -22.08 6.30 4.66
CA LEU A 83 -22.19 7.41 5.60
C LEU A 83 -23.64 7.64 6.01
N LEU A 84 -24.52 7.88 5.04
CA LEU A 84 -25.92 8.12 5.35
C LEU A 84 -26.51 6.96 6.15
N GLY A 85 -26.24 5.72 5.73
CA GLY A 85 -26.78 4.55 6.41
C GLY A 85 -26.23 4.40 7.82
N TYR A 86 -24.90 4.55 7.98
CA TYR A 86 -24.33 4.53 9.32
C TYR A 86 -24.82 5.69 10.17
N ALA A 87 -24.97 6.88 9.55
CA ALA A 87 -25.53 8.01 10.26
C ALA A 87 -26.95 7.72 10.73
N TYR A 88 -27.81 7.29 9.80
CA TYR A 88 -29.19 6.99 10.18
C TYR A 88 -29.23 5.96 11.29
N ARG A 89 -28.48 4.87 11.13
CA ARG A 89 -28.53 3.78 12.10
C ARG A 89 -28.11 4.23 13.48
N MET A 90 -27.22 5.22 13.60
CA MET A 90 -26.78 5.66 14.91
C MET A 90 -27.58 6.84 15.47
N THR A 91 -28.21 7.66 14.63
CA THR A 91 -28.91 8.85 15.10
C THR A 91 -30.43 8.76 15.02
N GLY A 92 -30.99 8.15 13.98
CA GLY A 92 -32.43 8.05 13.82
C GLY A 92 -33.04 9.12 12.95
N GLU A 93 -32.26 10.10 12.52
CA GLU A 93 -32.82 11.26 11.82
C GLU A 93 -33.07 10.91 10.37
N VAL A 94 -34.32 10.58 10.06
CA VAL A 94 -34.77 10.14 8.74
C VAL A 94 -34.31 11.06 7.61
N LYS A 95 -33.80 12.25 7.94
CA LYS A 95 -33.09 13.03 6.92
C LYS A 95 -31.94 12.23 6.33
N TYR A 96 -31.31 11.37 7.13
CA TYR A 96 -30.25 10.52 6.62
C TYR A 96 -30.83 9.39 5.76
N ALA A 97 -31.88 8.74 6.25
CA ALA A 97 -32.47 7.62 5.54
C ALA A 97 -33.11 8.06 4.24
N LYS A 98 -33.79 9.20 4.25
CA LYS A 98 -34.43 9.67 3.02
C LYS A 98 -33.39 10.02 1.97
N ARG A 99 -32.26 10.56 2.41
CA ARG A 99 -31.17 10.86 1.49
C ARG A 99 -30.62 9.57 0.88
N ALA A 100 -30.23 8.61 1.72
CA ALA A 100 -29.72 7.33 1.22
C ALA A 100 -30.73 6.65 0.29
N GLU A 101 -32.01 6.59 0.71
CA GLU A 101 -33.00 5.95 -0.15
C GLU A 101 -33.11 6.67 -1.48
N SER A 102 -32.87 7.97 -1.50
CA SER A 102 -32.88 8.69 -2.77
C SER A 102 -31.63 8.37 -3.59
N GLU A 103 -30.48 8.12 -2.95
CA GLU A 103 -29.30 7.65 -3.68
C GLU A 103 -29.52 6.24 -4.23
N LEU A 104 -29.87 5.29 -3.37
CA LEU A 104 -30.11 3.92 -3.79
C LEU A 104 -31.13 3.84 -4.92
N ASP A 105 -32.26 4.55 -4.78
CA ASP A 105 -33.31 4.46 -5.78
C ASP A 105 -32.87 5.07 -7.10
N ASN A 106 -32.16 6.20 -7.05
CA ASN A 106 -31.61 6.82 -8.25
C ASN A 106 -30.66 5.87 -8.97
N ALA A 107 -29.71 5.27 -8.25
CA ALA A 107 -28.74 4.40 -8.90
C ALA A 107 -29.35 3.05 -9.29
N ALA A 108 -30.36 2.57 -8.55
CA ALA A 108 -30.98 1.31 -8.92
C ALA A 108 -31.70 1.42 -10.26
N ASP A 109 -31.93 2.65 -10.73
CA ASP A 109 -32.53 2.88 -12.03
C ASP A 109 -31.52 3.22 -13.11
N PHE A 110 -30.23 3.34 -12.78
CA PHE A 110 -29.17 3.32 -13.79
C PHE A 110 -29.41 2.17 -14.76
N VAL A 111 -29.23 2.43 -16.05
CA VAL A 111 -29.52 1.44 -17.08
C VAL A 111 -28.78 0.13 -16.80
N ASP A 112 -27.47 0.24 -16.61
CA ASP A 112 -26.64 -0.86 -16.17
C ASP A 112 -25.56 -0.28 -15.28
N TRP A 113 -24.72 -1.14 -14.72
CA TRP A 113 -23.66 -0.69 -13.84
C TRP A 113 -22.29 -0.79 -14.50
N ASN A 114 -22.26 -0.72 -15.85
CA ASN A 114 -21.08 -0.71 -16.71
C ASN A 114 -20.27 -1.99 -16.57
N PRO A 115 -20.83 -3.15 -16.97
CA PRO A 115 -20.07 -4.41 -16.83
C PRO A 115 -18.82 -4.45 -17.68
N SER A 116 -18.74 -3.61 -18.72
CA SER A 116 -17.50 -3.42 -19.47
C SER A 116 -16.28 -3.31 -18.56
N HIS A 117 -16.45 -2.75 -17.36
CA HIS A 117 -15.39 -2.50 -16.38
C HIS A 117 -15.94 -2.99 -15.05
N PHE A 118 -15.89 -4.32 -14.84
CA PHE A 118 -16.75 -4.96 -13.86
C PHE A 118 -16.52 -4.45 -12.43
N LEU A 119 -15.39 -3.80 -12.14
CA LEU A 119 -15.24 -3.16 -10.84
C LEU A 119 -16.40 -2.20 -10.56
N ASP A 120 -16.85 -1.47 -11.60
CA ASP A 120 -18.02 -0.61 -11.46
C ASP A 120 -19.22 -1.38 -10.91
N VAL A 121 -19.50 -2.56 -11.49
CA VAL A 121 -20.60 -3.42 -11.04
C VAL A 121 -20.34 -3.92 -9.62
N ALA A 122 -19.08 -4.27 -9.31
CA ALA A 122 -18.78 -4.81 -7.99
C ALA A 122 -19.05 -3.80 -6.88
N GLU A 123 -18.63 -2.54 -7.09
CA GLU A 123 -18.83 -1.55 -6.03
C GLU A 123 -20.25 -1.02 -5.99
N MET A 124 -20.92 -0.88 -7.13
CA MET A 124 -22.33 -0.50 -7.08
C MET A 124 -23.17 -1.58 -6.40
N THR A 125 -22.87 -2.86 -6.67
CA THR A 125 -23.61 -3.94 -6.02
C THR A 125 -23.42 -3.91 -4.50
N THR A 126 -22.19 -3.64 -4.05
CA THR A 126 -21.92 -3.54 -2.62
C THR A 126 -22.70 -2.40 -2.00
N ALA A 127 -22.75 -1.25 -2.67
CA ALA A 127 -23.57 -0.13 -2.22
C ALA A 127 -25.03 -0.54 -2.05
N MET A 128 -25.59 -1.18 -3.09
CA MET A 128 -26.97 -1.63 -3.04
C MET A 128 -27.18 -2.65 -1.93
N ALA A 129 -26.21 -3.52 -1.75
CA ALA A 129 -26.30 -4.59 -0.76
C ALA A 129 -26.34 -4.03 0.65
N ILE A 130 -25.44 -3.11 0.95
CA ILE A 130 -25.32 -2.57 2.31
C ILE A 130 -26.50 -1.65 2.61
N GLY A 131 -26.83 -0.76 1.67
CA GLY A 131 -27.95 0.13 1.81
C GLY A 131 -29.24 -0.61 2.05
N TYR A 132 -29.55 -1.57 1.15
CA TYR A 132 -30.75 -2.38 1.29
C TYR A 132 -30.81 -3.06 2.65
N ASP A 133 -29.68 -3.59 3.12
CA ASP A 133 -29.69 -4.28 4.40
C ASP A 133 -29.73 -3.33 5.61
N TRP A 134 -29.16 -2.13 5.50
CA TRP A 134 -29.05 -1.24 6.66
C TRP A 134 -30.31 -0.39 6.84
N LEU A 135 -31.06 -0.14 5.77
CA LEU A 135 -32.25 0.69 5.77
C LEU A 135 -33.50 -0.11 5.45
N TYR A 136 -33.42 -1.45 5.55
CA TYR A 136 -34.50 -2.33 5.12
C TYR A 136 -35.85 -1.89 5.69
N ASN A 137 -35.92 -1.67 7.00
CA ASN A 137 -37.20 -1.36 7.63
C ASN A 137 -37.71 0.02 7.26
N PHE A 138 -36.82 0.95 6.92
CA PHE A 138 -37.23 2.29 6.54
C PHE A 138 -37.69 2.34 5.09
N ILE A 139 -36.90 1.73 4.20
CA ILE A 139 -37.10 1.91 2.76
C ILE A 139 -38.46 1.36 2.36
N SER A 140 -38.92 1.80 1.20
CA SER A 140 -40.26 1.48 0.80
C SER A 140 -40.31 0.19 -0.01
N ASP A 141 -41.52 -0.33 -0.18
CA ASP A 141 -41.71 -1.59 -0.89
C ASP A 141 -41.29 -1.47 -2.35
N GLN A 142 -41.69 -0.37 -3.01
CA GLN A 142 -41.21 -0.15 -4.38
C GLN A 142 -39.69 -0.21 -4.44
N THR A 143 -38.99 0.40 -3.46
CA THR A 143 -37.53 0.44 -3.51
C THR A 143 -36.92 -0.87 -3.01
N LYS A 144 -37.61 -1.61 -2.13
CA LYS A 144 -37.18 -2.97 -1.82
C LYS A 144 -37.12 -3.80 -3.10
N LEU A 145 -38.26 -3.89 -3.80
CA LEU A 145 -38.33 -4.65 -5.06
C LEU A 145 -37.32 -4.12 -6.06
N LYS A 146 -37.25 -2.79 -6.21
CA LYS A 146 -36.38 -2.20 -7.22
C LYS A 146 -34.91 -2.58 -6.99
N ILE A 147 -34.46 -2.58 -5.73
CA ILE A 147 -33.06 -2.91 -5.44
C ILE A 147 -32.83 -4.40 -5.63
N GLU A 148 -33.78 -5.21 -5.16
CA GLU A 148 -33.68 -6.65 -5.36
C GLU A 148 -33.48 -6.98 -6.82
N LYS A 149 -34.32 -6.42 -7.69
CA LYS A 149 -34.17 -6.73 -9.12
C LYS A 149 -32.92 -6.10 -9.69
N ALA A 150 -32.59 -4.89 -9.24
CA ALA A 150 -31.35 -4.25 -9.69
C ALA A 150 -30.13 -5.11 -9.33
N ILE A 151 -30.02 -5.51 -8.06
CA ILE A 151 -28.91 -6.37 -7.64
C ILE A 151 -28.83 -7.57 -8.56
N GLU A 152 -29.97 -8.25 -8.77
CA GLU A 152 -29.95 -9.47 -9.57
C GLU A 152 -29.63 -9.18 -11.04
N THR A 153 -30.36 -8.27 -11.67
CA THR A 153 -30.27 -8.13 -13.13
C THR A 153 -29.09 -7.28 -13.57
N LYS A 154 -28.56 -6.42 -12.71
CA LYS A 154 -27.45 -5.56 -13.08
C LYS A 154 -26.14 -5.95 -12.42
N GLY A 155 -26.21 -6.78 -11.39
CA GLY A 155 -25.01 -7.19 -10.68
C GLY A 155 -24.82 -8.68 -10.77
N LEU A 156 -25.77 -9.45 -10.22
CA LEU A 156 -25.54 -10.88 -10.08
C LEU A 156 -25.48 -11.56 -11.45
N ASN A 157 -26.46 -11.28 -12.33
CA ASN A 157 -26.53 -12.00 -13.60
C ASN A 157 -25.36 -11.66 -14.53
N PRO A 158 -24.97 -10.40 -14.72
CA PRO A 158 -23.80 -10.16 -15.57
C PRO A 158 -22.56 -10.93 -15.12
N SER A 159 -22.41 -11.14 -13.80
CA SER A 159 -21.26 -11.89 -13.32
C SER A 159 -21.31 -13.37 -13.73
N LEU A 160 -22.48 -13.86 -14.15
CA LEU A 160 -22.50 -15.21 -14.72
C LEU A 160 -22.07 -15.22 -16.17
N ASP A 161 -21.98 -14.06 -16.81
CA ASP A 161 -21.63 -14.00 -18.22
C ASP A 161 -20.11 -14.00 -18.40
N SER A 162 -19.60 -14.96 -19.19
CA SER A 162 -18.14 -15.03 -19.38
C SER A 162 -17.60 -13.84 -20.17
N GLN A 163 -18.46 -13.03 -20.79
CA GLN A 163 -17.99 -11.79 -21.38
C GLN A 163 -17.50 -10.79 -20.34
N TYR A 164 -17.85 -10.99 -19.06
CA TYR A 164 -17.58 -9.99 -18.03
C TYR A 164 -16.86 -10.50 -16.81
N ASN A 165 -16.76 -11.81 -16.61
CA ASN A 165 -16.29 -12.33 -15.33
C ASN A 165 -14.92 -13.02 -15.43
N SER A 166 -14.06 -12.57 -16.35
CA SER A 166 -12.78 -13.27 -16.49
C SER A 166 -11.89 -13.07 -15.26
N TRP A 167 -12.19 -12.05 -14.44
CA TRP A 167 -11.52 -11.90 -13.16
C TRP A 167 -11.68 -13.11 -12.26
N LEU A 168 -12.71 -13.95 -12.51
CA LEU A 168 -12.89 -15.17 -11.71
C LEU A 168 -11.66 -16.08 -11.73
N TYR A 169 -10.85 -16.02 -12.79
CA TYR A 169 -9.69 -16.91 -12.95
C TYR A 169 -8.36 -16.18 -12.80
N ARG A 170 -8.37 -14.95 -12.28
CA ARG A 170 -7.17 -14.15 -12.10
C ARG A 170 -6.83 -14.04 -10.62
N ASN A 171 -5.55 -13.77 -10.34
CA ASN A 171 -5.11 -13.56 -8.98
C ASN A 171 -4.86 -12.09 -8.64
N ASN A 172 -5.40 -11.16 -9.44
CA ASN A 172 -5.23 -9.74 -9.13
C ASN A 172 -6.37 -9.28 -8.20
N ASN A 173 -6.43 -7.99 -7.86
CA ASN A 173 -7.44 -7.56 -6.89
C ASN A 173 -8.84 -7.44 -7.50
N TRP A 174 -8.96 -7.41 -8.83
CA TRP A 174 -10.26 -7.54 -9.47
C TRP A 174 -11.00 -8.77 -8.97
N ASN A 175 -10.27 -9.86 -8.72
CA ASN A 175 -10.90 -11.06 -8.18
C ASN A 175 -11.44 -10.80 -6.78
N GLN A 176 -10.67 -10.10 -5.93
CA GLN A 176 -11.14 -9.82 -4.58
C GLN A 176 -12.35 -8.89 -4.59
N VAL A 177 -12.27 -7.78 -5.33
CA VAL A 177 -13.36 -6.81 -5.31
C VAL A 177 -14.63 -7.40 -5.92
N CYS A 178 -14.51 -8.06 -7.07
CA CYS A 178 -15.68 -8.56 -7.76
C CYS A 178 -16.34 -9.72 -7.01
N ASN A 179 -15.56 -10.72 -6.58
CA ASN A 179 -16.14 -11.80 -5.77
C ASN A 179 -16.75 -11.25 -4.46
N GLY A 180 -16.16 -10.19 -3.91
CA GLY A 180 -16.69 -9.61 -2.70
C GLY A 180 -18.02 -8.93 -2.95
N GLY A 181 -18.03 -8.01 -3.92
CA GLY A 181 -19.26 -7.27 -4.21
C GLY A 181 -20.41 -8.17 -4.59
N ILE A 182 -20.15 -9.14 -5.49
CA ILE A 182 -21.20 -10.03 -5.96
C ILE A 182 -21.73 -10.88 -4.81
N THR A 183 -20.85 -11.34 -3.92
CA THR A 183 -21.32 -12.14 -2.78
C THR A 183 -22.18 -11.31 -1.84
N LEU A 184 -21.73 -10.08 -1.49
CA LEU A 184 -22.50 -9.21 -0.60
C LEU A 184 -23.90 -8.99 -1.14
N GLY A 185 -24.01 -8.67 -2.43
CA GLY A 185 -25.31 -8.53 -3.05
C GLY A 185 -26.14 -9.80 -2.93
N ALA A 186 -25.58 -10.94 -3.31
CA ALA A 186 -26.32 -12.19 -3.25
C ALA A 186 -26.78 -12.48 -1.83
N LEU A 187 -25.92 -12.21 -0.83
CA LEU A 187 -26.33 -12.44 0.55
C LEU A 187 -27.36 -11.43 1.02
N ALA A 188 -27.27 -10.19 0.55
CA ALA A 188 -28.24 -9.20 1.00
C ALA A 188 -29.66 -9.62 0.65
N ILE A 189 -29.84 -10.30 -0.48
CA ILE A 189 -31.18 -10.72 -0.89
C ILE A 189 -31.30 -12.24 -0.88
N TYR A 190 -30.47 -12.90 -0.06
CA TYR A 190 -30.41 -14.35 -0.02
C TYR A 190 -31.79 -15.00 -0.06
N ASP A 191 -32.68 -14.51 0.80
CA ASP A 191 -34.00 -15.14 0.93
C ASP A 191 -34.85 -14.98 -0.32
N LYS A 192 -34.52 -14.05 -1.22
CA LYS A 192 -35.26 -13.92 -2.47
C LYS A 192 -34.73 -14.82 -3.58
N ILE A 193 -33.52 -15.36 -3.45
CA ILE A 193 -32.82 -16.11 -4.50
C ILE A 193 -31.93 -17.21 -3.93
N PRO A 194 -32.42 -18.11 -3.06
CA PRO A 194 -31.48 -18.91 -2.24
C PRO A 194 -30.58 -19.84 -3.02
N THR A 195 -31.03 -20.41 -4.14
CA THR A 195 -30.17 -21.37 -4.83
C THR A 195 -29.20 -20.71 -5.78
N LEU A 196 -29.57 -19.57 -6.39
CA LEU A 196 -28.56 -18.77 -7.06
C LEU A 196 -27.51 -18.31 -6.07
N ALA A 197 -27.95 -17.82 -4.90
CA ALA A 197 -27.02 -17.33 -3.90
C ALA A 197 -26.05 -18.41 -3.44
N ASP A 198 -26.55 -19.65 -3.29
CA ASP A 198 -25.67 -20.74 -2.86
C ASP A 198 -24.63 -21.06 -3.93
N GLU A 199 -25.00 -20.98 -5.20
CA GLU A 199 -24.02 -21.20 -6.25
C GLU A 199 -22.97 -20.09 -6.25
N LEU A 200 -23.39 -18.85 -6.01
CA LEU A 200 -22.47 -17.73 -6.03
C LEU A 200 -21.48 -17.79 -4.86
N ILE A 201 -21.96 -18.19 -3.67
CA ILE A 201 -21.08 -18.29 -2.51
C ILE A 201 -19.99 -19.34 -2.76
N ASN A 202 -20.39 -20.55 -3.15
CA ASN A 202 -19.43 -21.59 -3.50
C ASN A 202 -18.42 -21.08 -4.53
N ARG A 203 -18.90 -20.41 -5.58
CA ARG A 203 -17.96 -19.89 -6.59
C ARG A 203 -16.99 -18.86 -5.97
N ALA A 204 -17.48 -17.97 -5.09
CA ALA A 204 -16.59 -16.98 -4.48
C ALA A 204 -15.56 -17.65 -3.58
N VAL A 205 -16.02 -18.57 -2.72
CA VAL A 205 -15.12 -19.27 -1.81
C VAL A 205 -13.98 -19.97 -2.55
N GLN A 206 -14.23 -20.43 -3.78
CA GLN A 206 -13.17 -21.15 -4.48
C GLN A 206 -12.30 -20.21 -5.32
N SER A 207 -12.94 -19.27 -6.02
CA SER A 207 -12.24 -18.32 -6.88
C SER A 207 -11.41 -17.31 -6.09
N VAL A 208 -11.80 -16.98 -4.86
CA VAL A 208 -11.06 -15.91 -4.18
C VAL A 208 -9.76 -16.43 -3.59
N LYS A 209 -9.58 -17.75 -3.53
CA LYS A 209 -8.28 -18.30 -3.16
C LYS A 209 -7.16 -17.83 -4.09
N LEU A 210 -7.49 -17.58 -5.37
CA LEU A 210 -6.45 -17.14 -6.30
C LEU A 210 -5.76 -15.85 -5.86
N PRO A 211 -6.46 -14.72 -5.60
CA PRO A 211 -5.75 -13.54 -5.09
C PRO A 211 -5.20 -13.72 -3.70
N MET A 212 -5.85 -14.52 -2.85
CA MET A 212 -5.35 -14.67 -1.49
C MET A 212 -4.00 -15.38 -1.45
N SER A 213 -3.58 -16.03 -2.55
CA SER A 213 -2.30 -16.73 -2.57
C SER A 213 -1.10 -15.78 -2.67
N VAL A 214 -1.30 -14.53 -3.12
CA VAL A 214 -0.19 -13.59 -3.19
C VAL A 214 0.27 -13.12 -1.81
N TYR A 215 -0.54 -13.32 -0.76
CA TYR A 215 -0.14 -12.97 0.61
C TYR A 215 0.77 -14.01 1.26
N ALA A 216 0.98 -15.16 0.63
CA ALA A 216 1.74 -16.23 1.27
C ALA A 216 3.25 -16.01 1.07
N PRO A 217 4.07 -16.31 2.07
CA PRO A 217 3.76 -16.91 3.37
C PRO A 217 3.68 -15.91 4.55
N ASP A 218 4.18 -14.68 4.37
CA ASP A 218 4.30 -13.77 5.51
C ASP A 218 3.28 -12.66 5.55
N GLY A 219 2.43 -12.53 4.53
CA GLY A 219 1.56 -11.37 4.42
C GLY A 219 2.12 -10.21 3.63
N ALA A 220 3.20 -10.44 2.88
CA ALA A 220 3.72 -9.38 2.03
C ALA A 220 2.76 -9.14 0.87
N TYR A 221 2.62 -7.88 0.47
CA TYR A 221 1.82 -7.50 -0.68
C TYR A 221 2.72 -6.78 -1.69
N ALA A 222 2.92 -7.43 -2.84
CA ALA A 222 3.98 -7.05 -3.78
C ALA A 222 3.92 -5.58 -4.17
N GLU A 223 2.75 -5.11 -4.60
CA GLU A 223 2.70 -3.73 -5.05
C GLU A 223 2.81 -2.74 -3.90
N GLY A 224 2.71 -3.19 -2.66
CA GLY A 224 3.08 -2.37 -1.54
C GLY A 224 1.92 -1.64 -0.87
N TYR A 225 2.30 -0.61 -0.10
CA TYR A 225 1.46 -0.08 0.97
C TYR A 225 0.14 0.45 0.44
N SER A 226 0.18 1.27 -0.61
CA SER A 226 -0.98 2.03 -1.04
C SER A 226 -1.89 1.29 -2.02
N TYR A 227 -1.55 0.07 -2.44
CA TYR A 227 -2.45 -0.73 -3.26
C TYR A 227 -3.07 -1.86 -2.49
N TRP A 228 -2.72 -1.97 -1.21
CA TRP A 228 -3.11 -3.12 -0.40
C TRP A 228 -4.54 -3.02 0.11
N GLY A 229 -5.05 -1.80 0.32
CA GLY A 229 -6.35 -1.65 0.96
C GLY A 229 -7.49 -2.11 0.07
N TYR A 230 -7.46 -1.77 -1.21
CA TYR A 230 -8.60 -1.96 -2.09
C TYR A 230 -9.06 -3.42 -2.10
N GLY A 231 -8.17 -4.33 -2.51
CA GLY A 231 -8.52 -5.74 -2.54
C GLY A 231 -8.61 -6.41 -1.18
N THR A 232 -7.77 -6.00 -0.22
CA THR A 232 -7.85 -6.59 1.11
C THR A 232 -9.16 -6.20 1.81
N THR A 233 -9.62 -4.96 1.62
CA THR A 233 -10.90 -4.54 2.20
C THR A 233 -12.05 -5.42 1.68
N TYR A 234 -12.16 -5.58 0.36
CA TYR A 234 -13.21 -6.43 -0.19
C TYR A 234 -13.03 -7.89 0.22
N ASN A 235 -11.78 -8.36 0.34
CA ASN A 235 -11.54 -9.69 0.87
C ASN A 235 -12.13 -9.86 2.26
N LEU A 236 -12.18 -8.79 3.04
CA LEU A 236 -12.66 -8.86 4.41
C LEU A 236 -14.14 -8.59 4.54
N LEU A 237 -14.70 -7.77 3.64
CA LEU A 237 -16.15 -7.72 3.48
C LEU A 237 -16.69 -9.11 3.18
N LEU A 238 -16.04 -9.82 2.24
CA LEU A 238 -16.48 -11.16 1.90
C LEU A 238 -16.40 -12.09 3.09
N ILE A 239 -15.33 -12.00 3.87
CA ILE A 239 -15.19 -12.92 5.00
C ILE A 239 -16.19 -12.57 6.09
N ASP A 240 -16.31 -11.28 6.41
CA ASP A 240 -17.23 -10.85 7.46
C ASP A 240 -18.68 -11.17 7.11
N ALA A 241 -19.05 -11.00 5.85
CA ALA A 241 -20.42 -11.28 5.44
C ALA A 241 -20.74 -12.77 5.51
N LEU A 242 -19.80 -13.62 5.07
CA LEU A 242 -20.02 -15.05 5.16
C LEU A 242 -20.16 -15.49 6.60
N GLU A 243 -19.29 -14.99 7.47
CA GLU A 243 -19.43 -15.30 8.89
C GLU A 243 -20.78 -14.83 9.43
N ASN A 244 -21.24 -13.65 9.00
CA ASN A 244 -22.51 -13.13 9.52
C ASN A 244 -23.71 -13.94 9.00
N VAL A 245 -23.71 -14.32 7.72
CA VAL A 245 -24.87 -14.98 7.12
C VAL A 245 -24.77 -16.50 7.21
N MET A 246 -23.65 -17.06 6.73
CA MET A 246 -23.45 -18.51 6.71
C MET A 246 -22.85 -19.06 8.00
N GLY A 247 -22.51 -18.21 8.95
CA GLY A 247 -21.90 -18.67 10.19
C GLY A 247 -20.51 -19.24 10.06
N THR A 248 -19.91 -19.18 8.87
CA THR A 248 -18.55 -19.68 8.66
C THR A 248 -17.90 -18.88 7.53
N ASP A 249 -16.57 -18.78 7.61
CA ASP A 249 -15.79 -18.18 6.54
C ASP A 249 -15.25 -19.23 5.56
N TYR A 250 -15.62 -20.50 5.74
CA TYR A 250 -15.09 -21.61 4.93
C TYR A 250 -13.56 -21.64 4.91
N ASN A 251 -12.94 -21.20 6.02
CA ASN A 251 -11.50 -21.23 6.24
C ASN A 251 -10.75 -20.19 5.44
N LEU A 252 -11.44 -19.21 4.86
CA LEU A 252 -10.75 -18.28 3.96
C LEU A 252 -9.71 -17.48 4.73
N SER A 253 -10.01 -17.12 5.98
CA SER A 253 -9.03 -16.42 6.81
C SER A 253 -7.80 -17.26 7.10
N GLN A 254 -7.87 -18.58 6.90
CA GLN A 254 -6.73 -19.43 7.20
C GLN A 254 -5.76 -19.58 6.03
N GLU A 255 -6.09 -19.04 4.87
CA GLU A 255 -5.16 -19.07 3.74
C GLU A 255 -3.81 -18.53 4.19
N PRO A 256 -2.70 -19.18 3.83
CA PRO A 256 -1.43 -18.94 4.52
C PRO A 256 -0.91 -17.53 4.30
N GLY A 257 -0.48 -16.90 5.40
CA GLY A 257 0.03 -15.55 5.37
C GLY A 257 -1.01 -14.46 5.47
N PHE A 258 -2.30 -14.76 5.25
CA PHE A 258 -3.29 -13.69 5.13
C PHE A 258 -3.56 -13.02 6.48
N LEU A 259 -3.52 -13.79 7.56
CA LEU A 259 -3.81 -13.19 8.85
C LEU A 259 -2.69 -12.28 9.34
N ASN A 260 -1.48 -12.44 8.81
CA ASN A 260 -0.32 -11.64 9.16
C ASN A 260 -0.12 -10.45 8.24
N THR A 261 -1.03 -10.21 7.29
CA THR A 261 -0.73 -9.16 6.32
C THR A 261 -0.87 -7.78 6.95
N GLY A 262 -1.68 -7.66 8.01
CA GLY A 262 -1.67 -6.45 8.81
C GLY A 262 -0.27 -6.11 9.33
N LYS A 263 0.49 -7.10 9.78
CA LYS A 263 1.85 -6.82 10.27
C LYS A 263 2.72 -6.25 9.17
N PHE A 264 2.53 -6.72 7.94
CA PHE A 264 3.25 -6.14 6.80
C PHE A 264 2.95 -4.65 6.68
N ILE A 265 1.67 -4.27 6.74
CA ILE A 265 1.30 -2.87 6.60
C ILE A 265 1.77 -2.07 7.81
N GLN A 266 1.69 -2.68 9.00
CA GLN A 266 2.20 -2.05 10.21
C GLN A 266 3.66 -1.67 10.07
N ASN A 267 4.52 -2.60 9.60
CA ASN A 267 5.93 -2.29 9.48
C ASN A 267 6.26 -1.54 8.19
N MET A 268 5.34 -1.50 7.22
CA MET A 268 5.64 -0.73 6.02
C MET A 268 5.55 0.76 6.24
N LEU A 269 5.02 1.19 7.39
CA LEU A 269 5.08 2.58 7.80
C LEU A 269 6.32 2.74 8.68
N LEU A 270 7.32 3.46 8.18
CA LEU A 270 8.60 3.56 8.87
C LEU A 270 8.56 4.61 10.00
N SER A 271 9.71 4.84 10.61
CA SER A 271 9.79 5.57 11.87
C SER A 271 9.36 7.03 11.74
N ASP A 272 9.49 7.63 10.57
CA ASP A 272 8.94 8.97 10.40
C ASP A 272 7.43 8.96 10.16
N GLY A 273 6.77 7.83 10.33
CA GLY A 273 5.34 7.73 10.10
C GLY A 273 4.88 7.74 8.66
N LYS A 274 5.80 7.56 7.71
CA LYS A 274 5.46 7.56 6.28
C LYS A 274 5.83 6.22 5.65
N SER A 275 5.25 5.97 4.48
CA SER A 275 5.33 4.65 3.89
C SER A 275 6.68 4.40 3.23
N PHE A 276 7.02 3.13 3.14
CA PHE A 276 8.10 2.73 2.24
C PHE A 276 7.55 2.77 0.81
N ASN A 277 7.61 3.95 0.19
CA ASN A 277 6.87 4.26 -1.04
C ASN A 277 7.64 3.80 -2.29
N TYR A 278 7.98 2.52 -2.31
CA TYR A 278 8.58 2.01 -3.53
C TYR A 278 7.52 1.86 -4.61
N GLY A 279 7.96 1.84 -5.87
CA GLY A 279 7.12 1.84 -7.04
C GLY A 279 6.10 2.97 -7.04
N ASP A 280 4.92 2.69 -7.57
CA ASP A 280 3.98 3.80 -7.70
C ASP A 280 3.26 4.17 -6.40
N CYS A 281 3.67 3.66 -5.24
CA CYS A 281 3.04 4.04 -3.97
C CYS A 281 3.25 5.51 -3.65
N SER A 282 2.33 6.08 -2.89
CA SER A 282 2.50 7.42 -2.32
C SER A 282 2.96 7.32 -0.86
N SER A 283 3.86 8.22 -0.46
CA SER A 283 4.51 8.13 0.85
C SER A 283 3.53 8.34 2.01
N SER A 284 2.48 9.10 1.82
CA SER A 284 1.58 9.40 2.92
C SER A 284 0.69 8.19 3.21
N GLY A 285 0.81 7.65 4.41
CA GLY A 285 -0.16 6.70 4.92
C GLY A 285 -1.54 7.33 5.14
N ARG A 286 -2.45 6.48 5.58
CA ARG A 286 -3.82 6.86 5.92
C ARG A 286 -4.25 5.98 7.08
N VAL A 287 -5.40 6.30 7.64
CA VAL A 287 -6.05 5.36 8.54
C VAL A 287 -6.63 4.26 7.67
N SER A 288 -6.23 3.02 7.94
CA SER A 288 -6.60 1.88 7.10
C SER A 288 -7.67 1.04 7.77
N PRO A 289 -8.93 1.15 7.36
CA PRO A 289 -10.00 0.40 8.06
C PRO A 289 -9.71 -1.09 8.18
N ALA A 290 -9.26 -1.75 7.10
CA ALA A 290 -8.89 -3.16 7.15
C ALA A 290 -7.94 -3.49 8.29
N MET A 291 -7.03 -2.56 8.62
CA MET A 291 -6.06 -2.80 9.69
C MET A 291 -6.75 -3.12 11.02
N PHE A 292 -7.84 -2.43 11.33
CA PHE A 292 -8.51 -2.68 12.59
C PHE A 292 -9.13 -4.08 12.65
N TRP A 293 -9.49 -4.64 11.49
CA TRP A 293 -9.97 -6.02 11.46
C TRP A 293 -8.87 -6.99 11.85
N PHE A 294 -7.69 -6.86 11.23
CA PHE A 294 -6.56 -7.72 11.58
C PHE A 294 -6.15 -7.54 13.03
N ALA A 295 -6.16 -6.30 13.53
CA ALA A 295 -5.83 -6.10 14.95
C ALA A 295 -6.81 -6.83 15.85
N ASN A 296 -8.10 -6.82 15.49
CA ASN A 296 -9.13 -7.49 16.26
C ASN A 296 -9.10 -9.01 16.11
N ARG A 297 -8.58 -9.56 15.01
CA ARG A 297 -8.62 -11.01 14.84
C ARG A 297 -7.31 -11.70 15.16
N THR A 298 -6.20 -10.98 15.16
CA THR A 298 -4.94 -11.54 15.63
C THR A 298 -4.63 -11.12 17.06
N ALA A 299 -5.53 -10.37 17.69
CA ALA A 299 -5.37 -9.86 19.05
C ALA A 299 -4.07 -9.08 19.17
N ASP A 300 -3.94 -8.05 18.34
CA ASP A 300 -2.68 -7.35 18.13
C ASP A 300 -2.85 -5.85 18.29
N LYS A 301 -2.48 -5.32 19.46
CA LYS A 301 -2.50 -3.88 19.66
C LYS A 301 -1.36 -3.17 18.93
N ASP A 302 -0.34 -3.91 18.48
CA ASP A 302 0.76 -3.28 17.74
C ASP A 302 0.25 -2.59 16.48
N ILE A 303 -0.61 -3.28 15.71
CA ILE A 303 -1.31 -2.64 14.60
C ILE A 303 -2.05 -1.40 15.07
N LEU A 304 -2.65 -1.44 16.25
CA LEU A 304 -3.39 -0.29 16.73
C LEU A 304 -2.43 0.87 17.06
N TRP A 305 -1.25 0.54 17.58
CA TRP A 305 -0.23 1.57 17.79
C TRP A 305 0.06 2.30 16.48
N SER A 306 0.28 1.54 15.40
CA SER A 306 0.59 2.19 14.12
C SER A 306 -0.62 2.92 13.55
N GLU A 307 -1.82 2.33 13.65
CA GLU A 307 -3.01 3.04 13.16
C GLU A 307 -3.31 4.28 13.99
N LYS A 308 -3.14 4.21 15.32
CA LYS A 308 -3.38 5.40 16.14
C LYS A 308 -2.49 6.54 15.69
N TYR A 309 -1.25 6.24 15.32
CA TYR A 309 -0.38 7.29 14.86
C TYR A 309 -0.84 7.88 13.53
N GLN A 310 -1.33 7.04 12.61
CA GLN A 310 -1.81 7.55 11.33
C GLN A 310 -3.00 8.47 11.52
N PHE A 311 -3.85 8.16 12.51
CA PHE A 311 -4.96 9.07 12.83
C PHE A 311 -4.44 10.37 13.42
N SER A 312 -3.57 10.26 14.42
CA SER A 312 -2.80 11.39 14.92
C SER A 312 -2.26 12.25 13.79
N LEU A 313 -1.85 11.60 12.69
CA LEU A 313 -1.28 12.31 11.55
C LEU A 313 -2.32 12.81 10.55
N SER A 314 -3.48 12.19 10.48
CA SER A 314 -4.35 12.47 9.35
C SER A 314 -5.11 13.78 9.54
N SER A 315 -5.45 14.38 8.40
CA SER A 315 -6.37 15.50 8.34
C SER A 315 -7.82 15.02 8.30
N LYS A 316 -8.71 15.90 8.76
CA LYS A 316 -10.14 15.63 8.72
C LYS A 316 -10.61 15.32 7.30
N LYS A 317 -10.04 15.99 6.30
CA LYS A 317 -10.54 15.81 4.94
C LYS A 317 -10.21 14.41 4.42
N SER A 318 -9.03 13.87 4.74
CA SER A 318 -8.67 12.58 4.15
C SER A 318 -9.51 11.46 4.74
N ILE A 319 -9.90 11.57 6.01
CA ILE A 319 -10.80 10.61 6.62
C ILE A 319 -12.20 10.73 6.03
N ARG A 320 -12.70 11.96 5.86
CA ARG A 320 -13.97 12.17 5.18
C ARG A 320 -13.92 11.57 3.78
N SER A 321 -12.84 11.84 3.06
CA SER A 321 -12.77 11.52 1.64
C SER A 321 -12.78 10.02 1.38
N TYR A 322 -12.29 9.22 2.33
CA TYR A 322 -11.98 7.82 2.04
C TYR A 322 -13.25 6.97 1.99
N ARG A 323 -13.44 6.28 0.88
CA ARG A 323 -14.75 5.67 0.60
C ARG A 323 -15.11 4.58 1.60
N TYR A 324 -14.14 3.93 2.24
CA TYR A 324 -14.41 2.87 3.21
C TYR A 324 -14.23 3.36 4.66
N ALA A 325 -14.31 4.68 4.89
CA ALA A 325 -14.04 5.23 6.22
C ALA A 325 -14.90 4.56 7.31
N VAL A 326 -16.19 4.37 7.04
CA VAL A 326 -17.10 3.82 8.07
C VAL A 326 -16.61 2.47 8.58
N LEU A 327 -15.95 1.68 7.73
CA LEU A 327 -15.52 0.34 8.14
C LEU A 327 -14.54 0.39 9.31
N ALA A 328 -13.78 1.49 9.43
CA ALA A 328 -12.88 1.63 10.58
C ALA A 328 -13.64 1.51 11.90
N LEU A 329 -14.78 2.18 12.02
CA LEU A 329 -15.59 2.04 13.23
C LEU A 329 -16.12 0.62 13.34
N ILE A 330 -16.72 0.09 12.27
CA ILE A 330 -17.34 -1.22 12.34
C ILE A 330 -16.33 -2.27 12.80
N TRP A 331 -15.11 -2.25 12.24
CA TRP A 331 -14.12 -3.25 12.63
C TRP A 331 -13.30 -2.86 13.85
N GLY A 332 -13.18 -1.57 14.16
CA GLY A 332 -12.29 -1.14 15.23
C GLY A 332 -12.91 -0.72 16.54
N ALA A 333 -14.20 -0.37 16.51
CA ALA A 333 -14.85 0.13 17.73
C ALA A 333 -14.99 -0.94 18.82
N SER A 334 -14.60 -2.18 18.52
CA SER A 334 -14.57 -3.23 19.54
C SER A 334 -13.42 -3.02 20.51
N THR A 335 -12.29 -2.49 20.05
CA THR A 335 -11.10 -2.33 20.86
C THR A 335 -10.91 -0.86 21.23
N SER A 336 -10.39 -0.63 22.44
CA SER A 336 -10.10 0.73 22.87
C SER A 336 -8.72 1.14 22.40
N MET A 337 -8.58 2.43 22.04
CA MET A 337 -7.36 2.97 21.48
C MET A 337 -6.46 3.63 22.53
N ASP A 338 -6.89 3.71 23.78
CA ASP A 338 -6.12 4.33 24.83
C ASP A 338 -5.17 3.34 25.48
N ASN A 339 -4.04 3.85 25.95
CA ASN A 339 -2.96 3.07 26.55
C ASN A 339 -2.60 1.87 25.68
N LEU A 340 -2.01 2.17 24.52
CA LEU A 340 -1.56 0.99 23.82
C LEU A 340 -0.13 0.67 24.21
N PRO A 341 0.20 -0.59 24.44
CA PRO A 341 1.60 -0.95 24.69
C PRO A 341 2.48 -0.54 23.52
N LYS A 342 3.77 -0.41 23.79
CA LYS A 342 4.66 -0.13 22.67
C LYS A 342 5.06 -1.44 22.00
N PRO A 343 4.98 -1.53 20.68
CA PRO A 343 5.47 -2.73 19.99
C PRO A 343 6.94 -2.95 20.28
N THR A 344 7.33 -4.22 20.42
CA THR A 344 8.69 -4.56 20.83
C THR A 344 9.53 -5.17 19.72
N GLN A 345 8.94 -5.86 18.74
CA GLN A 345 9.74 -6.43 17.68
C GLN A 345 10.23 -5.34 16.73
N ARG A 346 11.53 -5.33 16.48
CA ARG A 346 12.22 -4.27 15.75
C ARG A 346 12.46 -4.61 14.29
N MET A 347 12.11 -5.82 13.84
CA MET A 347 12.35 -6.23 12.47
C MET A 347 11.23 -7.09 11.91
N TRP A 348 10.85 -6.80 10.66
CA TRP A 348 9.89 -7.58 9.90
C TRP A 348 10.47 -7.85 8.52
N VAL A 349 10.54 -9.13 8.15
CA VAL A 349 11.16 -9.53 6.90
C VAL A 349 10.24 -10.50 6.15
N SER A 350 10.28 -10.44 4.83
CA SER A 350 9.70 -11.48 3.99
C SER A 350 10.58 -11.67 2.76
N SER A 351 11.02 -12.91 2.50
CA SER A 351 11.83 -13.19 1.32
C SER A 351 11.12 -14.02 0.26
N LYS A 352 10.32 -15.01 0.64
CA LYS A 352 9.71 -15.92 -0.36
C LYS A 352 8.45 -15.24 -0.91
N THR A 353 8.68 -14.27 -1.79
CA THR A 353 7.59 -13.35 -2.16
C THR A 353 8.06 -12.49 -3.32
N THR A 354 7.11 -11.86 -4.00
CA THR A 354 7.39 -11.14 -5.24
C THR A 354 8.31 -9.94 -5.02
N THR A 355 8.03 -9.15 -3.98
CA THR A 355 8.79 -7.94 -3.66
C THR A 355 9.34 -8.10 -2.25
N PRO A 356 10.46 -8.78 -2.08
CA PRO A 356 11.00 -9.00 -0.74
C PRO A 356 11.43 -7.69 -0.08
N VAL A 357 11.14 -7.58 1.21
CA VAL A 357 11.38 -6.37 1.98
C VAL A 357 12.01 -6.76 3.31
N ALA A 358 12.87 -5.88 3.82
CA ALA A 358 13.41 -5.97 5.17
C ALA A 358 13.20 -4.63 5.87
N LEU A 359 12.42 -4.64 6.94
CA LEU A 359 11.89 -3.42 7.55
C LEU A 359 12.31 -3.38 9.01
N MET A 360 13.21 -2.44 9.35
CA MET A 360 13.84 -2.42 10.66
C MET A 360 13.85 -1.00 11.22
N ARG A 361 13.50 -0.88 12.49
CA ARG A 361 13.64 0.34 13.27
C ARG A 361 14.24 -0.05 14.61
N THR A 362 14.85 0.93 15.30
CA THR A 362 15.38 0.65 16.62
C THR A 362 14.34 0.92 17.71
N THR A 363 13.25 1.59 17.36
CA THR A 363 12.25 1.92 18.35
C THR A 363 10.92 2.15 17.63
N TRP A 364 9.82 1.86 18.31
CA TRP A 364 8.51 2.15 17.77
C TRP A 364 7.99 3.49 18.19
N ASP A 365 8.82 4.29 18.87
CA ASP A 365 8.51 5.69 19.08
C ASP A 365 8.81 6.44 17.79
N TYR A 366 7.76 6.96 17.16
CA TYR A 366 7.91 7.60 15.86
C TYR A 366 8.66 8.93 16.00
N GLN A 367 9.47 9.23 14.98
CA GLN A 367 10.38 10.37 14.90
C GLN A 367 11.61 10.19 15.79
N GLN A 368 11.85 8.99 16.30
CA GLN A 368 13.02 8.71 17.13
C GLN A 368 13.72 7.45 16.62
N GLY A 369 14.98 7.27 17.07
CA GLY A 369 15.78 6.14 16.67
C GLY A 369 16.19 6.23 15.22
N LEU A 370 16.63 5.09 14.69
CA LEU A 370 16.90 4.94 13.27
C LEU A 370 15.94 3.93 12.64
N SER A 371 15.84 3.98 11.32
CA SER A 371 15.12 2.93 10.62
C SER A 371 15.66 2.78 9.21
N ILE A 372 15.63 1.54 8.73
CA ILE A 372 16.03 1.24 7.35
C ILE A 372 15.01 0.29 6.76
N ALA A 373 14.67 0.51 5.49
CA ALA A 373 13.86 -0.41 4.71
C ALA A 373 14.68 -0.79 3.50
N LEU A 374 14.76 -2.08 3.22
CA LEU A 374 15.48 -2.57 2.05
C LEU A 374 14.56 -3.46 1.21
N LYS A 375 14.66 -3.28 -0.10
CA LYS A 375 13.82 -4.04 -1.00
C LYS A 375 14.51 -4.73 -2.15
N GLY A 376 14.21 -5.98 -2.36
CA GLY A 376 14.67 -6.73 -3.52
C GLY A 376 13.60 -6.58 -4.58
N GLY A 377 13.21 -7.69 -5.22
CA GLY A 377 12.06 -7.67 -6.09
C GLY A 377 12.45 -7.81 -7.56
N THR A 378 11.43 -7.67 -8.42
CA THR A 378 11.62 -7.74 -9.86
C THR A 378 10.74 -6.69 -10.52
N ALA A 379 11.26 -6.08 -11.59
CA ALA A 379 10.52 -5.03 -12.28
C ALA A 379 9.29 -5.55 -13.03
N GLN A 380 9.09 -6.87 -13.11
CA GLN A 380 8.00 -7.41 -13.93
C GLN A 380 6.65 -7.39 -13.24
N SER A 381 6.61 -7.35 -11.92
CA SER A 381 5.35 -7.24 -11.21
C SER A 381 4.76 -5.83 -11.38
N GLY A 382 3.60 -5.59 -10.76
CA GLY A 382 2.86 -4.35 -11.03
C GLY A 382 3.41 -3.13 -10.29
N HIS A 383 3.31 -1.98 -10.97
CA HIS A 383 3.68 -0.66 -10.43
C HIS A 383 5.13 -0.61 -9.94
N THR A 384 6.04 -1.10 -10.74
CA THR A 384 7.44 -1.19 -10.33
C THR A 384 8.27 0.00 -10.81
N HIS A 385 9.30 0.33 -10.03
CA HIS A 385 10.43 1.12 -10.49
C HIS A 385 11.67 0.22 -10.56
N LEU A 386 12.70 0.68 -11.28
CA LEU A 386 13.98 -0.02 -11.30
C LEU A 386 14.72 0.29 -10.00
N ASP A 387 14.30 -0.39 -8.93
CA ASP A 387 14.73 -0.03 -7.59
C ASP A 387 15.18 -1.23 -6.77
N ALA A 388 15.46 -2.37 -7.41
CA ALA A 388 15.97 -3.51 -6.66
C ALA A 388 17.22 -3.10 -5.88
N GLY A 389 17.29 -3.49 -4.60
CA GLY A 389 18.36 -3.06 -3.72
C GLY A 389 18.19 -1.68 -3.10
N SER A 390 17.15 -0.95 -3.51
CA SER A 390 16.94 0.38 -2.98
C SER A 390 16.62 0.31 -1.48
N PHE A 391 16.94 1.38 -0.77
CA PHE A 391 16.68 1.42 0.67
C PHE A 391 16.11 2.76 1.09
N ILE A 392 15.53 2.79 2.27
CA ILE A 392 15.13 4.03 2.94
C ILE A 392 15.91 4.12 4.24
N PHE A 393 16.45 5.31 4.51
CA PHE A 393 17.14 5.58 5.77
C PHE A 393 16.50 6.79 6.43
N ILE A 394 15.93 6.58 7.60
CA ILE A 394 15.38 7.63 8.44
C ILE A 394 16.21 7.72 9.71
N SER A 395 16.47 8.93 10.17
CA SER A 395 17.08 9.16 11.47
C SER A 395 16.25 10.20 12.22
N LYS A 396 15.77 9.83 13.40
CA LYS A 396 14.89 10.71 14.17
C LYS A 396 13.71 11.14 13.29
N ASP A 397 13.58 12.43 12.99
CA ASP A 397 12.48 12.93 12.19
C ASP A 397 12.85 13.19 10.73
N THR A 398 13.99 12.68 10.26
CA THR A 398 14.53 13.05 8.95
C THR A 398 14.72 11.82 8.06
N ARG A 399 13.93 11.75 6.99
CA ARG A 399 14.19 10.73 5.98
C ARG A 399 15.34 11.24 5.10
N TRP A 400 16.56 10.83 5.48
CA TRP A 400 17.80 11.25 4.80
C TRP A 400 17.90 10.65 3.40
N SER A 401 17.34 9.48 3.19
CA SER A 401 17.43 8.79 1.91
C SER A 401 16.01 8.46 1.49
N THR A 402 15.57 8.98 0.36
CA THR A 402 14.16 8.88 0.00
C THR A 402 13.98 8.25 -1.37
N ASP A 403 12.70 8.13 -1.73
CA ASP A 403 12.24 7.62 -3.01
C ASP A 403 11.27 8.63 -3.59
N LEU A 404 11.51 9.06 -4.83
CA LEU A 404 10.71 10.11 -5.44
C LEU A 404 9.24 9.71 -5.60
N GLY A 405 8.95 8.42 -5.68
CA GLY A 405 7.60 7.98 -5.92
C GLY A 405 7.20 8.18 -7.37
N PRO A 406 5.91 8.08 -7.64
CA PRO A 406 5.42 8.06 -9.03
C PRO A 406 5.40 9.44 -9.65
N GLN A 407 5.24 9.45 -10.97
CA GLN A 407 4.79 10.63 -11.70
C GLN A 407 3.44 10.25 -12.31
N ASP A 408 2.40 10.99 -11.96
CA ASP A 408 1.04 10.51 -12.22
C ASP A 408 0.65 10.64 -13.70
N TYR A 409 -0.23 9.73 -14.11
CA TYR A 409 -0.45 9.37 -15.51
C TYR A 409 -0.93 10.54 -16.36
N ASN A 410 -0.79 10.41 -17.68
CA ASN A 410 -1.34 11.35 -18.66
C ASN A 410 -0.47 12.59 -18.77
N SER A 411 0.20 12.97 -17.69
CA SER A 411 1.30 13.92 -17.81
C SER A 411 2.46 13.36 -18.66
N LEU A 412 2.36 12.08 -19.04
CA LEU A 412 3.24 11.43 -20.03
C LEU A 412 2.48 10.60 -21.06
N GLU A 413 1.22 10.27 -20.80
CA GLU A 413 0.47 9.31 -21.59
C GLU A 413 -0.25 9.95 -22.78
N SER A 414 0.07 11.21 -23.08
CA SER A 414 -0.42 11.86 -24.29
C SER A 414 0.53 11.66 -25.47
N LYS A 415 1.80 12.05 -25.30
CA LYS A 415 2.82 11.96 -26.36
C LYS A 415 3.89 10.96 -25.92
N GLY A 416 3.86 9.76 -26.50
CA GLY A 416 4.80 8.72 -26.15
C GLY A 416 4.30 7.86 -25.00
N ILE A 417 3.39 6.94 -25.30
CA ILE A 417 2.59 6.26 -24.27
C ILE A 417 3.32 5.09 -23.63
N ASP A 418 2.60 3.97 -23.54
CA ASP A 418 3.03 2.73 -22.89
C ASP A 418 3.88 2.96 -21.64
N LEU A 419 3.33 3.71 -20.70
CA LEU A 419 3.88 3.80 -19.35
C LEU A 419 3.79 2.47 -18.61
N TRP A 420 3.07 1.48 -19.15
CA TRP A 420 2.83 0.23 -18.42
C TRP A 420 3.56 -0.97 -19.01
N ASN A 421 4.14 -0.86 -20.20
CA ASN A 421 5.07 -1.88 -20.69
C ASN A 421 6.21 -2.06 -19.71
N LYS A 422 6.51 -3.32 -19.37
CA LYS A 422 7.55 -3.64 -18.42
C LYS A 422 8.83 -4.14 -19.07
N SER A 423 8.87 -4.31 -20.39
CA SER A 423 10.04 -4.90 -21.03
C SER A 423 11.24 -3.93 -20.98
N GLN A 424 12.42 -4.47 -21.29
CA GLN A 424 13.68 -3.75 -21.05
C GLN A 424 13.74 -2.43 -21.83
N GLU A 425 13.16 -2.38 -23.02
CA GLU A 425 13.20 -1.16 -23.81
C GLU A 425 11.98 -0.28 -23.63
N SER A 426 11.10 -0.61 -22.68
CA SER A 426 9.87 0.14 -22.49
C SER A 426 10.15 1.62 -22.25
N ASP A 427 9.24 2.45 -22.72
CA ASP A 427 9.35 3.88 -22.45
C ASP A 427 9.12 4.19 -20.97
N ARG A 428 8.46 3.28 -20.25
CA ARG A 428 8.24 3.45 -18.82
C ARG A 428 9.54 3.73 -18.09
N TRP A 429 10.53 2.82 -18.25
CA TRP A 429 11.81 2.99 -17.59
C TRP A 429 12.56 4.23 -18.07
N LYS A 430 12.12 4.87 -19.14
CA LYS A 430 12.79 6.08 -19.58
C LYS A 430 12.24 7.33 -18.92
N VAL A 431 11.23 7.19 -18.05
CA VAL A 431 10.77 8.32 -17.24
C VAL A 431 11.74 8.52 -16.08
N PHE A 432 12.10 9.78 -15.83
CA PHE A 432 13.15 10.14 -14.87
C PHE A 432 12.95 9.46 -13.51
N ARG A 433 11.71 9.42 -13.01
CA ARG A 433 11.46 8.91 -11.67
C ARG A 433 11.44 7.39 -11.56
N TYR A 434 11.63 6.65 -12.66
CA TYR A 434 11.35 5.22 -12.68
C TYR A 434 12.56 4.33 -12.88
N ASN A 435 13.70 4.87 -13.30
CA ASN A 435 14.88 4.03 -13.49
C ASN A 435 15.83 4.20 -12.31
N ASN A 436 16.84 3.33 -12.25
CA ASN A 436 17.70 3.24 -11.09
C ASN A 436 18.67 4.41 -10.97
N LEU A 437 18.80 5.25 -11.99
CA LEU A 437 19.61 6.46 -11.86
C LEU A 437 19.00 7.44 -10.87
N ALA A 438 17.75 7.22 -10.43
CA ALA A 438 17.07 8.14 -9.54
C ALA A 438 16.57 7.46 -8.27
N HIS A 439 17.12 6.31 -7.91
CA HIS A 439 16.78 5.62 -6.66
C HIS A 439 18.07 5.27 -5.90
N ASN A 440 17.92 4.86 -4.65
CA ASN A 440 19.07 4.59 -3.76
C ASN A 440 19.67 3.21 -4.03
N THR A 441 20.16 3.02 -5.25
CA THR A 441 20.81 1.76 -5.62
C THR A 441 21.88 2.02 -6.68
N LEU A 442 22.37 0.95 -7.28
CA LEU A 442 23.56 0.99 -8.13
C LEU A 442 23.19 1.17 -9.61
N SER A 443 24.15 1.67 -10.37
CA SER A 443 24.08 1.57 -11.82
C SER A 443 25.49 1.39 -12.37
N PHE A 444 25.57 0.81 -13.57
CA PHE A 444 26.81 0.57 -14.28
C PHE A 444 26.75 1.33 -15.60
N ASP A 445 27.66 2.29 -15.79
CA ASP A 445 27.77 3.01 -17.05
C ASP A 445 26.42 3.56 -17.48
N ASN A 446 25.70 4.15 -16.54
CA ASN A 446 24.39 4.77 -16.74
C ASN A 446 23.37 3.80 -17.32
N LYS A 447 23.55 2.50 -17.13
CA LYS A 447 22.61 1.54 -17.70
C LYS A 447 21.50 1.21 -16.72
N TYR A 448 20.34 0.87 -17.28
CA TYR A 448 19.20 0.45 -16.48
C TYR A 448 19.45 -0.92 -15.85
N GLN A 449 18.73 -1.18 -14.77
CA GLN A 449 18.75 -2.51 -14.17
C GLN A 449 18.23 -3.52 -15.17
N ASN A 450 18.60 -4.78 -14.97
CA ASN A 450 17.98 -5.86 -15.75
C ASN A 450 16.53 -5.98 -15.34
N VAL A 451 15.60 -5.62 -16.24
CA VAL A 451 14.18 -5.63 -15.88
C VAL A 451 13.63 -7.03 -15.64
N ASN A 452 14.41 -8.08 -15.94
CA ASN A 452 13.96 -9.46 -15.73
C ASN A 452 14.58 -10.11 -14.52
N GLY A 453 15.51 -9.43 -13.87
CA GLY A 453 16.13 -10.01 -12.70
C GLY A 453 15.21 -10.01 -11.50
N TYR A 454 15.51 -10.92 -10.59
CA TYR A 454 14.77 -11.06 -9.35
C TYR A 454 15.78 -11.11 -8.21
N ALA A 455 15.45 -10.42 -7.13
CA ALA A 455 16.29 -10.35 -5.94
C ALA A 455 15.43 -10.55 -4.71
N THR A 456 16.00 -11.23 -3.70
CA THR A 456 15.38 -11.40 -2.41
C THR A 456 16.39 -11.12 -1.30
N ILE A 457 15.95 -11.35 -0.07
CA ILE A 457 16.74 -11.13 1.13
C ILE A 457 17.35 -12.49 1.51
N THR A 458 18.64 -12.65 1.22
CA THR A 458 19.33 -13.91 1.55
C THR A 458 19.59 -14.02 3.06
N ASP A 459 19.76 -12.91 3.77
CA ASP A 459 20.15 -13.01 5.16
C ASP A 459 19.73 -11.76 5.91
N PHE A 460 19.48 -11.93 7.21
CA PHE A 460 19.14 -10.80 8.07
C PHE A 460 19.38 -11.19 9.52
N SER A 461 19.43 -10.17 10.40
CA SER A 461 19.41 -10.46 11.84
C SER A 461 18.75 -9.35 12.62
N ASP A 462 18.14 -9.75 13.75
CA ASP A 462 17.44 -8.90 14.71
C ASP A 462 18.35 -8.32 15.80
N ASN A 463 19.63 -8.67 15.81
CA ASN A 463 20.56 -8.28 16.87
C ASN A 463 20.49 -6.77 17.12
N GLU A 464 20.01 -6.37 18.30
CA GLU A 464 19.61 -4.97 18.48
C GLU A 464 20.79 -4.00 18.51
N ASN A 465 22.02 -4.49 18.55
CA ASN A 465 23.18 -3.63 18.37
C ASN A 465 23.74 -3.69 16.96
N TYR A 466 23.19 -4.56 16.11
CA TYR A 466 23.66 -4.73 14.74
C TYR A 466 22.53 -5.37 13.92
N MET A 467 21.46 -4.61 13.69
CA MET A 467 20.35 -5.06 12.85
C MET A 467 20.73 -4.92 11.38
N TYR A 468 20.44 -5.95 10.58
CA TYR A 468 20.88 -5.93 9.18
C TYR A 468 20.07 -6.89 8.32
N ALA A 469 20.19 -6.68 7.01
CA ALA A 469 19.69 -7.59 5.99
C ALA A 469 20.56 -7.46 4.76
N ILE A 470 20.66 -8.55 4.01
CA ILE A 470 21.47 -8.63 2.80
C ILE A 470 20.56 -9.03 1.63
N ALA A 471 20.79 -8.41 0.48
CA ALA A 471 20.08 -8.75 -0.74
C ALA A 471 21.09 -9.14 -1.81
N ASP A 472 20.85 -10.30 -2.45
CA ASP A 472 21.63 -10.74 -3.60
C ASP A 472 20.99 -10.12 -4.85
N LEU A 473 21.72 -9.22 -5.50
CA LEU A 473 21.25 -8.49 -6.67
C LEU A 473 21.88 -9.01 -7.95
N THR A 474 22.40 -10.24 -7.92
CA THR A 474 23.18 -10.73 -9.05
C THR A 474 22.36 -10.75 -10.33
N LYS A 475 21.09 -11.15 -10.25
CA LYS A 475 20.30 -11.21 -11.45
C LYS A 475 19.81 -9.83 -11.89
N ILE A 476 19.77 -8.88 -10.96
CA ILE A 476 19.42 -7.49 -11.26
C ILE A 476 20.42 -6.88 -12.23
N TYR A 477 21.69 -7.29 -12.13
CA TYR A 477 22.78 -6.71 -12.93
C TYR A 477 23.50 -7.79 -13.73
N GLU A 478 22.74 -8.67 -14.38
CA GLU A 478 23.31 -9.88 -14.97
C GLU A 478 24.26 -9.57 -16.13
N GLY A 479 23.84 -8.72 -17.07
CA GLY A 479 24.76 -8.42 -18.14
C GLY A 479 25.86 -7.43 -17.80
N GLN A 480 25.87 -6.92 -16.57
CA GLN A 480 26.76 -5.84 -16.17
C GLN A 480 27.79 -6.25 -15.12
N ALA A 481 27.53 -7.31 -14.37
CA ALA A 481 28.43 -7.71 -13.31
C ALA A 481 28.23 -9.18 -13.05
N LYS A 482 29.32 -9.87 -12.71
CA LYS A 482 29.25 -11.29 -12.46
C LYS A 482 28.46 -11.60 -11.19
N GLU A 483 28.58 -10.76 -10.17
CA GLU A 483 27.88 -10.96 -8.91
C GLU A 483 27.72 -9.60 -8.23
N VAL A 484 26.54 -9.35 -7.65
CA VAL A 484 26.31 -8.18 -6.81
C VAL A 484 25.53 -8.58 -5.57
N LYS A 485 26.10 -8.33 -4.40
CA LYS A 485 25.39 -8.42 -3.13
C LYS A 485 25.42 -7.06 -2.41
N ARG A 486 24.34 -6.76 -1.68
CA ARG A 486 24.28 -5.54 -0.88
C ARG A 486 23.74 -5.84 0.51
N GLY A 487 24.42 -5.32 1.53
CA GLY A 487 23.93 -5.35 2.89
C GLY A 487 23.68 -3.94 3.41
N VAL A 488 22.71 -3.83 4.31
CA VAL A 488 22.44 -2.60 5.06
C VAL A 488 22.37 -3.00 6.52
N ALA A 489 22.86 -2.13 7.40
CA ALA A 489 22.85 -2.44 8.82
C ALA A 489 22.65 -1.16 9.60
N ILE A 490 21.97 -1.27 10.74
CA ILE A 490 21.91 -0.22 11.75
C ILE A 490 22.85 -0.62 12.87
N VAL A 491 23.94 0.13 12.99
CA VAL A 491 25.02 -0.22 13.91
C VAL A 491 24.79 0.47 15.25
N ASP A 492 24.74 -0.34 16.31
CA ASP A 492 24.72 0.18 17.68
C ASP A 492 23.63 1.22 17.87
N SER A 493 22.52 1.04 17.13
CA SER A 493 21.35 1.91 17.18
C SER A 493 21.70 3.39 16.99
N HIS A 494 22.83 3.68 16.32
CA HIS A 494 23.34 5.03 16.18
C HIS A 494 23.55 5.48 14.75
N TYR A 495 23.86 4.59 13.82
CA TYR A 495 24.14 5.01 12.45
C TYR A 495 23.95 3.80 11.54
N ALA A 496 24.22 4.00 10.25
CA ALA A 496 23.87 3.03 9.22
C ALA A 496 25.07 2.73 8.34
N ALA A 497 25.10 1.51 7.80
CA ALA A 497 26.14 1.07 6.89
C ALA A 497 25.52 0.41 5.68
N VAL A 498 26.06 0.70 4.50
CA VAL A 498 25.67 0.03 3.27
C VAL A 498 26.92 -0.52 2.61
N ARG A 499 26.98 -1.84 2.45
CA ARG A 499 28.17 -2.50 1.91
C ARG A 499 27.77 -3.32 0.70
N ASP A 500 28.31 -2.95 -0.46
CA ASP A 500 28.09 -3.66 -1.71
C ASP A 500 29.36 -4.43 -2.09
N GLU A 501 29.23 -5.74 -2.30
CA GLU A 501 30.32 -6.56 -2.84
C GLU A 501 30.01 -6.85 -4.30
N VAL A 502 30.87 -6.40 -5.19
CA VAL A 502 30.65 -6.46 -6.63
C VAL A 502 31.81 -7.22 -7.27
N LYS A 503 31.51 -8.30 -7.98
CA LYS A 503 32.50 -9.00 -8.79
C LYS A 503 32.28 -8.58 -10.24
N THR A 504 33.31 -7.99 -10.84
CA THR A 504 33.15 -7.42 -12.17
C THR A 504 33.31 -8.49 -13.24
N LEU A 505 32.86 -8.15 -14.45
CA LEU A 505 33.09 -8.98 -15.62
C LEU A 505 34.47 -8.67 -16.19
N GLY A 506 34.60 -8.68 -17.52
CA GLY A 506 35.87 -8.52 -18.20
C GLY A 506 36.25 -7.12 -18.62
N GLN A 507 35.42 -6.11 -18.35
CA GLN A 507 35.68 -4.75 -18.80
C GLN A 507 35.77 -3.82 -17.61
N PRO A 508 36.57 -2.76 -17.69
CA PRO A 508 36.45 -1.69 -16.69
C PRO A 508 35.05 -1.07 -16.79
N THR A 509 34.42 -0.91 -15.65
CA THR A 509 33.07 -0.37 -15.58
C THR A 509 33.04 0.67 -14.47
N VAL A 510 32.34 1.78 -14.71
CA VAL A 510 32.23 2.84 -13.73
C VAL A 510 30.91 2.62 -12.97
N ILE A 511 31.03 2.22 -11.71
CA ILE A 511 29.86 2.02 -10.87
C ILE A 511 29.44 3.36 -10.31
N ARG A 512 28.12 3.57 -10.19
CA ARG A 512 27.57 4.77 -9.58
C ARG A 512 26.78 4.36 -8.35
N TRP A 513 27.21 4.83 -7.17
CA TRP A 513 26.45 4.69 -5.94
C TRP A 513 25.52 5.90 -5.81
N ASN A 514 24.22 5.69 -5.96
CA ASN A 514 23.26 6.80 -5.95
C ASN A 514 22.54 6.92 -4.61
N MET A 515 22.15 8.14 -4.26
CA MET A 515 21.24 8.32 -3.13
C MET A 515 20.39 9.57 -3.34
N VAL A 516 19.08 9.41 -3.17
CA VAL A 516 18.11 10.50 -3.33
C VAL A 516 17.95 11.18 -1.99
N THR A 517 18.19 12.49 -1.93
CA THR A 517 18.06 13.22 -0.67
C THR A 517 17.31 14.54 -0.87
N GLU A 518 16.67 14.98 0.22
CA GLU A 518 16.13 16.33 0.33
C GLU A 518 17.06 17.26 1.11
N ALA A 519 18.10 16.72 1.73
CA ALA A 519 19.04 17.53 2.46
C ALA A 519 19.89 18.38 1.52
N GLN A 520 20.52 19.39 2.08
CA GLN A 520 21.45 20.23 1.35
C GLN A 520 22.82 19.57 1.34
N PRO A 521 23.41 19.34 0.16
CA PRO A 521 24.68 18.58 0.13
C PRO A 521 25.94 19.43 -0.05
N ALA A 522 26.99 19.04 0.65
CA ALA A 522 28.32 19.58 0.41
C ALA A 522 29.32 18.44 0.34
N ILE A 523 30.13 18.43 -0.72
CA ILE A 523 31.29 17.56 -0.78
C ILE A 523 32.38 18.21 0.07
N ILE A 524 32.67 17.65 1.24
CA ILE A 524 33.62 18.23 2.16
C ILE A 524 34.93 17.47 2.19
N GLY A 525 35.13 16.54 1.26
CA GLY A 525 36.34 15.74 1.26
C GLY A 525 36.43 14.91 0.00
N GLU A 526 37.45 14.07 -0.07
CA GLU A 526 37.62 13.23 -1.25
C GLU A 526 36.85 11.93 -1.16
N HIS A 527 36.30 11.60 0.01
CA HIS A 527 35.42 10.46 0.15
C HIS A 527 34.34 10.72 1.19
N THR A 528 33.97 11.98 1.37
CA THR A 528 32.97 12.36 2.35
C THR A 528 32.03 13.39 1.73
N ILE A 529 30.74 13.18 1.96
CA ILE A 529 29.70 14.17 1.69
C ILE A 529 29.04 14.48 3.02
N GLN A 530 28.67 15.75 3.23
CA GLN A 530 27.96 16.15 4.43
C GLN A 530 26.63 16.76 4.01
N LEU A 531 25.55 16.25 4.59
CA LEU A 531 24.20 16.71 4.27
C LEU A 531 23.60 17.44 5.46
N SER A 532 22.84 18.50 5.18
CA SER A 532 22.15 19.28 6.21
C SER A 532 20.65 19.34 5.94
N GLN A 533 19.86 19.16 6.99
CA GLN A 533 18.41 19.18 6.91
C GLN A 533 17.87 19.30 8.32
N ASN A 534 16.77 20.04 8.49
CA ASN A 534 16.07 20.18 9.77
C ASN A 534 16.99 20.69 10.88
N GLY A 535 17.96 21.52 10.52
CA GLY A 535 18.94 21.98 11.48
C GLY A 535 20.00 20.96 11.86
N GLU A 536 19.97 19.75 11.31
CA GLU A 536 20.92 18.69 11.66
C GLU A 536 21.83 18.39 10.48
N LYS A 537 22.82 17.57 10.78
CA LYS A 537 23.76 17.17 9.77
C LYS A 537 23.97 15.68 9.75
N LEU A 538 24.25 15.14 8.58
CA LEU A 538 24.59 13.73 8.45
C LEU A 538 25.83 13.58 7.58
N LEU A 539 26.70 12.64 7.95
CA LEU A 539 27.90 12.33 7.18
C LEU A 539 27.64 11.13 6.26
N LEU A 540 27.98 11.30 5.00
CA LEU A 540 27.98 10.23 4.01
C LEU A 540 29.46 9.86 3.79
N GLU A 541 29.95 8.91 4.57
CA GLU A 541 31.37 8.58 4.58
C GLU A 541 31.64 7.32 3.77
N VAL A 542 32.58 7.42 2.84
CA VAL A 542 32.87 6.37 1.86
C VAL A 542 34.19 5.72 2.25
N GLU A 543 34.13 4.53 2.86
CA GLU A 543 35.31 3.78 3.30
C GLU A 543 35.92 2.89 2.22
N SER A 544 35.20 2.61 1.13
CA SER A 544 35.74 1.76 0.09
C SER A 544 34.90 1.91 -1.16
N PRO A 545 35.51 1.86 -2.37
CA PRO A 545 36.94 1.64 -2.65
C PRO A 545 37.84 2.82 -2.29
N ALA A 546 39.16 2.60 -2.41
CA ALA A 546 40.16 3.53 -1.88
C ALA A 546 40.10 4.88 -2.57
N LYS A 547 40.09 4.90 -3.90
CA LYS A 547 39.90 6.13 -4.65
C LYS A 547 38.50 6.18 -5.23
N VAL A 548 37.82 7.30 -5.01
CA VAL A 548 36.42 7.51 -5.32
C VAL A 548 36.28 8.97 -5.75
N ARG A 549 35.35 9.22 -6.66
CA ARG A 549 35.05 10.59 -7.09
C ARG A 549 33.69 10.97 -6.49
N MET A 550 33.71 11.75 -5.42
CA MET A 550 32.47 12.24 -4.82
C MET A 550 31.67 13.05 -5.83
N LYS A 551 30.35 13.00 -5.71
CA LYS A 551 29.49 13.53 -6.77
C LYS A 551 28.15 14.01 -6.22
N THR A 552 27.59 15.01 -6.90
CA THR A 552 26.17 15.36 -6.81
C THR A 552 25.61 15.44 -8.22
N TRP A 553 24.35 15.02 -8.37
CA TRP A 553 23.70 15.05 -9.66
C TRP A 553 22.41 15.85 -9.56
N SER A 554 22.17 16.69 -10.55
CA SER A 554 20.89 17.41 -10.61
C SER A 554 19.73 16.42 -10.64
N ALA A 555 18.73 16.68 -9.80
CA ALA A 555 17.48 15.92 -9.80
C ALA A 555 16.41 16.59 -10.65
N THR A 556 16.82 17.30 -11.70
CA THR A 556 15.91 17.93 -12.65
C THR A 556 16.13 17.30 -14.00
N SER A 557 15.06 16.85 -14.63
CA SER A 557 15.17 16.12 -15.88
C SER A 557 15.43 17.07 -17.05
N PRO A 558 16.20 16.62 -18.06
CA PRO A 558 16.31 17.40 -19.29
C PRO A 558 15.11 17.26 -20.22
N ASN A 559 14.12 16.47 -19.86
CA ASN A 559 12.93 16.26 -20.68
C ASN A 559 11.76 17.00 -20.04
N SER A 560 11.00 17.72 -20.86
CA SER A 560 9.96 18.61 -20.35
C SER A 560 8.70 17.87 -19.90
N TRP A 561 8.58 16.58 -20.18
CA TRP A 561 7.45 15.83 -19.69
C TRP A 561 7.69 15.27 -18.28
N ASP A 562 8.96 15.05 -17.91
CA ASP A 562 9.27 14.59 -16.57
C ASP A 562 8.95 15.66 -15.54
N ALA A 563 8.13 15.31 -14.55
CA ALA A 563 7.82 16.22 -13.47
C ALA A 563 9.10 16.78 -12.85
N LYS A 564 8.97 17.96 -12.24
CA LYS A 564 10.10 18.61 -11.59
C LYS A 564 10.23 18.09 -10.16
N ASN A 565 11.46 18.11 -9.64
CA ASN A 565 11.77 17.52 -8.33
C ASN A 565 12.47 18.57 -7.48
N PRO A 566 11.72 19.54 -6.97
CA PRO A 566 12.33 20.63 -6.18
C PRO A 566 12.77 20.18 -4.79
N GLY A 567 13.90 20.75 -4.34
CA GLY A 567 14.44 20.42 -3.03
C GLY A 567 15.09 19.06 -2.95
N VAL A 568 15.34 18.40 -4.08
CA VAL A 568 15.90 17.07 -4.15
C VAL A 568 17.22 17.12 -4.92
N THR A 569 18.21 16.36 -4.44
CA THR A 569 19.49 16.20 -5.10
C THR A 569 19.84 14.71 -5.07
N PHE A 570 20.58 14.24 -6.08
CA PHE A 570 21.23 12.93 -6.03
C PHE A 570 22.66 13.08 -5.56
N VAL A 571 23.05 12.29 -4.56
CA VAL A 571 24.38 12.33 -3.96
C VAL A 571 24.95 10.91 -3.93
N GLY A 572 26.26 10.83 -3.90
CA GLY A 572 26.95 9.57 -3.78
C GLY A 572 28.35 9.69 -4.38
N PHE A 573 28.72 8.71 -5.18
CA PHE A 573 30.04 8.75 -5.78
C PHE A 573 30.12 7.84 -6.99
N GLU A 574 31.17 8.05 -7.77
CA GLU A 574 31.55 7.21 -8.90
C GLU A 574 32.80 6.42 -8.53
N ALA A 575 32.95 5.25 -9.14
CA ALA A 575 34.16 4.46 -8.97
C ALA A 575 34.38 3.59 -10.19
N GLU A 576 35.55 3.72 -10.80
CA GLU A 576 35.98 2.80 -11.84
C GLU A 576 36.43 1.49 -11.21
N LEU A 577 35.84 0.40 -11.67
CA LEU A 577 36.18 -0.92 -11.16
C LEU A 577 37.12 -1.62 -12.12
N ARG A 578 38.01 -2.44 -11.55
CA ARG A 578 38.90 -3.27 -12.37
C ARG A 578 38.16 -4.52 -12.82
N PRO A 579 38.47 -5.03 -14.01
CA PRO A 579 37.82 -6.27 -14.48
C PRO A 579 38.25 -7.47 -13.66
N ASN A 580 37.35 -8.46 -13.61
CA ASN A 580 37.59 -9.75 -12.94
C ASN A 580 38.00 -9.61 -11.48
N THR A 581 37.56 -8.54 -10.82
CA THR A 581 37.98 -8.28 -9.45
C THR A 581 36.75 -8.18 -8.56
N THR A 582 36.95 -8.51 -7.29
CA THR A 582 35.91 -8.40 -6.27
C THR A 582 36.11 -7.06 -5.55
N GLU A 583 35.29 -6.07 -5.91
CA GLU A 583 35.36 -4.72 -5.37
C GLU A 583 34.26 -4.52 -4.33
N VAL A 584 34.59 -3.67 -3.37
CA VAL A 584 33.65 -3.38 -2.32
C VAL A 584 33.35 -1.91 -2.16
N LEU A 585 32.11 -1.53 -2.40
CA LEU A 585 31.67 -0.17 -2.10
C LEU A 585 31.15 -0.14 -0.66
N GLN A 586 31.58 0.85 0.12
CA GLN A 586 31.14 0.92 1.51
C GLN A 586 30.87 2.35 1.96
N VAL A 587 29.63 2.58 2.41
CA VAL A 587 29.15 3.90 2.81
C VAL A 587 28.63 3.80 4.24
N LYS A 588 28.92 4.82 5.04
CA LYS A 588 28.31 4.98 6.35
C LYS A 588 27.53 6.28 6.35
N LEU A 589 26.29 6.22 6.82
CA LEU A 589 25.45 7.42 6.99
C LEU A 589 25.42 7.69 8.48
N ILE A 590 26.20 8.66 8.93
CA ILE A 590 26.44 8.92 10.34
C ILE A 590 25.63 10.14 10.77
N PRO A 591 24.62 9.97 11.62
CA PRO A 591 23.94 11.13 12.22
C PRO A 591 24.77 11.80 13.29
N GLU A 592 24.21 12.82 13.94
CA GLU A 592 24.91 13.52 15.01
C GLU A 592 24.91 12.68 16.29
N GLY A 593 25.96 12.86 17.10
CA GLY A 593 26.09 12.11 18.34
C GLY A 593 27.52 11.83 18.78
N ASN A 594 27.84 10.56 19.09
CA ASN A 594 29.10 10.18 19.73
C ASN A 594 29.46 8.70 19.49
N PHE A 595 30.06 8.33 18.35
CA PHE A 595 30.25 6.91 18.07
C PHE A 595 31.24 6.56 16.96
N ASP A 596 30.79 5.74 16.00
CA ASP A 596 31.57 5.39 14.82
C ASP A 596 32.94 4.82 15.18
N SER A 597 33.85 4.81 14.21
CA SER A 597 35.13 4.14 14.31
C SER A 597 34.90 2.64 14.44
N ASN A 598 34.65 1.95 13.33
CA ASN A 598 34.28 0.54 13.41
C ASN A 598 34.87 -0.22 12.24
N LYS A 599 34.33 -1.41 11.96
CA LYS A 599 34.96 -2.28 10.99
C LYS A 599 34.00 -2.63 9.87
N GLU A 600 34.52 -3.35 8.88
CA GLU A 600 33.89 -3.54 7.59
C GLU A 600 33.98 -5.02 7.19
N ILE A 601 33.18 -5.85 7.84
CA ILE A 601 33.35 -7.29 7.65
C ILE A 601 32.43 -7.82 6.54
N MET A 602 31.12 -7.76 6.81
CA MET A 602 30.04 -8.56 6.21
C MET A 602 30.40 -9.36 4.94
MN MN B . 10.58 4.94 -6.99
#